data_4RFQ
#
_entry.id   4RFQ
#
_cell.length_a   70.150
_cell.length_b   70.150
_cell.length_c   170.688
_cell.angle_alpha   90.000
_cell.angle_beta   90.000
_cell.angle_gamma   90.000
#
_symmetry.space_group_name_H-M   'P 41 21 2'
#
loop_
_entity.id
_entity.type
_entity.pdbx_description
1 polymer 'Histidine protein methyltransferase 1 homolog'
2 non-polymer S-ADENOSYLMETHIONINE
3 non-polymer 'UNKNOWN ATOM OR ION'
4 water water
#
_entity_poly.entity_id   1
_entity_poly.type   'polypeptide(L)'
_entity_poly.pdbx_seq_one_letter_code
;GHKSMENAAPSQDTDSPLSAASSSRNLEPHGKQPSLRAAKEHAMPKDLKKMLENKVIETLPGFQHVKLSVVKTILLKENF
PYEGGLKIWECTFDLLAYFTKAKVKFAGKKVLDLGCGSGLLGITAFKGGSKEIHFQDYNSMVIDEVTLPNVVANSTLEDE
ENDVNEPDVKRCRKPKVTQLYKCRFFSGEWSEFCKLVLSSEKLFVKYDLILTSETIYNPDYYSNLHQTFLRLLSKNGRVL
LASKAHYFGVGGGVHLFQKFVEERDVFKTRILKIIDEGLKRFIIEITFKFPG
;
_entity_poly.pdbx_strand_id   A
#
loop_
_chem_comp.id
_chem_comp.type
_chem_comp.name
_chem_comp.formula
SAM non-polymer S-ADENOSYLMETHIONINE 'C15 H22 N6 O5 S'
UNX non-polymer 'UNKNOWN ATOM OR ION' ?
#
# COMPACT_ATOMS: atom_id res chain seq x y z
N ALA A 8 9.47 20.51 20.07
CA ALA A 8 8.48 19.40 19.85
C ALA A 8 9.15 18.01 19.89
N ALA A 9 8.52 17.10 20.62
CA ALA A 9 9.05 15.74 20.82
C ALA A 9 9.09 14.92 19.51
N PRO A 10 9.99 13.90 19.44
CA PRO A 10 10.06 13.09 18.24
C PRO A 10 8.85 12.19 18.07
N SER A 11 8.45 11.96 16.82
CA SER A 11 7.42 10.97 16.53
C SER A 11 7.92 9.56 16.88
N GLN A 12 7.13 8.83 17.67
CA GLN A 12 7.39 7.42 17.98
C GLN A 12 6.36 6.56 17.18
N ASP A 13 6.49 5.24 17.27
CA ASP A 13 5.55 4.29 16.61
C ASP A 13 4.07 4.57 16.92
N THR A 14 3.78 5.02 18.15
CA THR A 14 2.38 5.22 18.62
C THR A 14 1.70 6.57 18.19
N ASP A 15 2.34 7.34 17.31
CA ASP A 15 1.70 8.51 16.69
C ASP A 15 1.01 8.05 15.43
N SER A 16 -0.14 8.64 15.16
CA SER A 16 -0.95 8.25 14.02
C SER A 16 -0.44 8.92 12.76
N PRO A 17 -0.96 8.51 11.60
CA PRO A 17 -0.54 9.19 10.40
C PRO A 17 -0.90 10.69 10.32
N LEU A 18 -1.84 11.16 11.14
CA LEU A 18 -2.24 12.59 11.13
C LEU A 18 -1.65 13.45 12.26
N SER A 19 -0.86 12.87 13.17
CA SER A 19 -0.30 13.68 14.25
C SER A 19 0.69 14.71 13.68
N ALA A 20 0.78 15.86 14.36
CA ALA A 20 1.74 16.92 14.00
C ALA A 20 3.16 16.38 13.83
N ALA A 21 3.58 15.46 14.70
CA ALA A 21 4.95 14.95 14.67
C ALA A 21 5.26 14.06 13.48
N SER A 22 4.23 13.58 12.79
CA SER A 22 4.43 12.59 11.75
C SER A 22 4.87 13.23 10.45
N SER A 23 5.94 12.66 9.87
CA SER A 23 6.52 13.09 8.60
C SER A 23 5.53 13.03 7.43
N SER A 24 4.58 12.10 7.51
CA SER A 24 3.67 11.83 6.43
C SER A 24 2.33 12.63 6.50
N ARG A 25 2.15 13.47 7.54
CA ARG A 25 0.89 14.22 7.75
C ARG A 25 0.28 14.85 6.51
N ASN A 26 1.11 15.46 5.68
CA ASN A 26 0.65 16.21 4.50
C ASN A 26 0.52 15.38 3.25
N LEU A 27 0.68 14.08 3.35
CA LEU A 27 0.46 13.18 2.25
C LEU A 27 -0.85 12.41 2.45
N GLU A 28 -1.58 12.71 3.52
CA GLU A 28 -2.79 11.96 3.88
C GLU A 28 -3.97 12.92 3.87
N PRO A 29 -5.16 12.44 3.47
CA PRO A 29 -6.34 13.27 3.45
C PRO A 29 -6.70 13.70 4.84
N HIS A 30 -7.03 14.96 5.03
CA HIS A 30 -7.40 15.48 6.34
C HIS A 30 -8.04 16.81 6.18
N GLY A 31 -8.46 17.41 7.29
CA GLY A 31 -9.08 18.74 7.29
C GLY A 31 -10.56 18.65 6.98
N LYS A 32 -11.23 19.79 7.02
CA LYS A 32 -12.68 19.86 6.82
C LYS A 32 -13.09 19.93 5.35
N GLN A 33 -12.12 20.18 4.46
CA GLN A 33 -12.41 20.27 3.02
C GLN A 33 -11.16 19.94 2.19
N PRO A 34 -10.74 18.65 2.20
CA PRO A 34 -9.59 18.22 1.38
C PRO A 34 -9.88 18.32 -0.14
N SER A 35 -8.95 17.82 -0.97
CA SER A 35 -9.11 17.86 -2.43
C SER A 35 -10.31 17.02 -2.91
N LEU A 36 -11.25 17.69 -3.59
CA LEU A 36 -12.31 16.99 -4.35
C LEU A 36 -11.88 16.84 -5.82
N ARG A 37 -10.56 16.87 -6.06
CA ARG A 37 -9.96 16.58 -7.36
C ARG A 37 -10.22 15.12 -7.77
N ALA A 38 -10.30 14.89 -9.09
CA ALA A 38 -10.36 13.53 -9.62
C ALA A 38 -9.04 12.82 -9.43
N ALA A 39 -9.11 11.50 -9.52
CA ALA A 39 -7.96 10.64 -9.48
C ALA A 39 -7.24 10.66 -10.85
N LYS A 40 -5.97 10.25 -10.87
CA LYS A 40 -5.15 10.20 -12.09
C LYS A 40 -4.46 8.85 -12.17
N GLU A 41 -4.39 8.28 -13.37
CA GLU A 41 -3.43 7.24 -13.66
C GLU A 41 -2.10 7.87 -14.04
N HIS A 42 -1.00 7.30 -13.55
CA HIS A 42 0.36 7.77 -13.89
C HIS A 42 1.04 6.76 -14.81
N ALA A 43 1.45 7.21 -15.99
CA ALA A 43 2.23 6.38 -16.91
C ALA A 43 3.61 6.06 -16.36
N MET A 44 4.14 4.93 -16.79
CA MET A 44 5.54 4.57 -16.57
C MET A 44 6.41 5.46 -17.47
N PRO A 45 7.32 6.26 -16.89
CA PRO A 45 8.19 7.05 -17.76
C PRO A 45 8.91 6.25 -18.86
N LYS A 46 9.24 6.95 -19.94
CA LYS A 46 9.96 6.39 -21.08
C LYS A 46 11.39 6.06 -20.68
N ASP A 47 12.05 7.02 -20.03
CA ASP A 47 13.42 6.85 -19.56
C ASP A 47 13.51 6.28 -18.14
N LEU A 48 13.72 4.96 -18.08
CA LEU A 48 13.77 4.19 -16.83
C LEU A 48 15.02 4.42 -16.00
N LYS A 49 16.18 4.43 -16.66
CA LYS A 49 17.46 4.73 -16.00
C LYS A 49 17.45 6.12 -15.29
N LYS A 50 16.71 7.06 -15.85
CA LYS A 50 16.70 8.44 -15.34
C LYS A 50 15.90 8.54 -14.05
N MET A 51 14.93 7.66 -13.85
CA MET A 51 14.18 7.60 -12.58
C MET A 51 15.06 7.23 -11.39
N LEU A 52 16.16 6.54 -11.67
CA LEU A 52 17.06 6.04 -10.63
C LEU A 52 18.39 6.76 -10.53
N GLU A 53 18.68 7.68 -11.44
CA GLU A 53 19.94 8.44 -11.43
C GLU A 53 20.18 8.98 -10.06
N ASN A 54 21.41 8.83 -9.57
CA ASN A 54 21.82 9.44 -8.29
C ASN A 54 21.08 8.94 -7.04
N LYS A 55 20.26 7.90 -7.20
CA LYS A 55 19.57 7.30 -6.09
C LYS A 55 20.45 6.25 -5.45
N VAL A 56 20.01 5.72 -4.35
CA VAL A 56 20.68 4.64 -3.70
C VAL A 56 19.73 3.46 -3.67
N ILE A 57 20.13 2.34 -4.25
CA ILE A 57 19.31 1.13 -4.19
C ILE A 57 19.79 0.20 -3.08
N GLU A 58 18.92 0.03 -2.10
CA GLU A 58 19.27 -0.66 -0.85
C GLU A 58 18.38 -1.89 -0.67
N THR A 59 19.00 -3.01 -0.35
CA THR A 59 18.25 -4.20 0.03
C THR A 59 17.55 -4.01 1.37
N LEU A 60 16.32 -4.49 1.47
CA LEU A 60 15.56 -4.42 2.71
C LEU A 60 16.09 -5.53 3.60
N PRO A 61 16.55 -5.19 4.80
CA PRO A 61 17.11 -6.23 5.67
C PRO A 61 16.03 -6.99 6.45
N GLY A 62 16.35 -8.22 6.85
CA GLY A 62 15.41 -9.14 7.47
C GLY A 62 15.15 -10.23 6.45
N PHE A 63 15.05 -11.47 6.92
CA PHE A 63 14.86 -12.63 6.03
C PHE A 63 13.45 -13.24 6.12
N GLN A 64 12.54 -12.53 6.81
CA GLN A 64 11.09 -12.86 6.85
C GLN A 64 10.32 -12.06 5.79
N HIS A 65 10.84 -12.09 4.56
CA HIS A 65 10.20 -11.55 3.36
C HIS A 65 11.08 -11.97 2.18
N VAL A 66 10.60 -11.75 0.96
CA VAL A 66 11.43 -11.99 -0.23
C VAL A 66 12.51 -10.89 -0.33
N LYS A 67 13.48 -11.04 -1.23
CA LYS A 67 14.47 -10.00 -1.42
C LYS A 67 13.76 -8.82 -2.10
N LEU A 68 13.76 -7.68 -1.40
CA LEU A 68 13.17 -6.47 -1.90
C LEU A 68 14.17 -5.35 -1.84
N SER A 69 14.07 -4.45 -2.80
CA SER A 69 14.92 -3.29 -2.85
C SER A 69 14.09 -2.05 -2.62
N VAL A 70 14.73 -1.03 -2.07
CA VAL A 70 14.10 0.25 -1.75
C VAL A 70 15.01 1.37 -2.29
N VAL A 71 14.41 2.38 -2.87
CA VAL A 71 15.15 3.45 -3.46
C VAL A 71 15.26 4.56 -2.43
N LYS A 72 16.50 5.00 -2.18
CA LYS A 72 16.73 6.08 -1.26
C LYS A 72 17.38 7.24 -1.98
N THR A 73 17.22 8.43 -1.41
CA THR A 73 17.72 9.65 -2.03
C THR A 73 18.75 10.24 -1.12
N ILE A 74 19.85 10.73 -1.67
CA ILE A 74 20.86 11.33 -0.84
C ILE A 74 20.46 12.79 -0.62
N LEU A 75 20.36 13.18 0.64
CA LEU A 75 19.91 14.51 1.01
C LEU A 75 20.89 15.11 2.02
N LEU A 76 21.56 16.18 1.63
CA LEU A 76 22.51 16.85 2.50
C LEU A 76 21.84 17.79 3.51
N LYS A 77 22.40 17.85 4.71
CA LYS A 77 21.99 18.81 5.73
C LYS A 77 23.20 19.16 6.57
N GLU A 78 23.57 20.44 6.55
CA GLU A 78 24.85 20.92 7.08
C GLU A 78 26.01 20.09 6.49
N ASN A 79 25.89 19.80 5.19
CA ASN A 79 26.87 18.99 4.44
C ASN A 79 27.06 17.52 4.91
N PHE A 80 26.09 17.02 5.69
CA PHE A 80 26.09 15.66 6.19
C PHE A 80 25.07 14.82 5.37
N PRO A 81 25.54 13.73 4.75
CA PRO A 81 24.73 12.96 3.84
C PRO A 81 23.74 11.99 4.49
N TYR A 82 22.45 12.28 4.36
CA TYR A 82 21.39 11.39 4.77
C TYR A 82 20.89 10.57 3.57
N GLU A 83 20.50 9.33 3.82
CA GLU A 83 19.80 8.52 2.82
C GLU A 83 18.36 8.65 3.20
N GLY A 84 17.56 9.21 2.30
CA GLY A 84 16.17 9.48 2.63
C GLY A 84 15.19 8.58 1.93
N GLY A 85 14.09 8.27 2.62
CA GLY A 85 12.99 7.51 2.03
C GLY A 85 11.68 7.91 2.65
N LEU A 86 10.59 7.56 2.00
CA LEU A 86 9.26 7.77 2.55
C LEU A 86 9.10 6.80 3.70
N LYS A 87 8.42 7.21 4.77
CA LYS A 87 8.22 6.35 5.92
C LYS A 87 7.47 5.08 5.50
N ILE A 88 7.93 3.95 5.99
CA ILE A 88 7.25 2.69 5.83
C ILE A 88 6.62 2.25 7.15
N TRP A 89 5.32 2.04 7.19
CA TRP A 89 4.66 1.75 8.44
C TRP A 89 4.87 0.29 8.85
N GLU A 90 4.93 0.07 10.16
CA GLU A 90 5.33 -1.23 10.75
C GLU A 90 4.55 -2.38 10.14
N CYS A 91 3.25 -2.18 9.99
CA CYS A 91 2.37 -3.27 9.60
C CYS A 91 2.68 -3.82 8.25
N THR A 92 3.37 -3.04 7.41
CA THR A 92 3.81 -3.52 6.11
C THR A 92 4.72 -4.76 6.29
N PHE A 93 5.63 -4.68 7.24
CA PHE A 93 6.59 -5.77 7.46
C PHE A 93 5.91 -7.00 8.03
N ASP A 94 4.94 -6.81 8.92
CA ASP A 94 4.08 -7.90 9.39
C ASP A 94 3.40 -8.63 8.23
N LEU A 95 2.92 -7.88 7.27
CA LEU A 95 2.18 -8.47 6.18
C LEU A 95 3.14 -9.15 5.23
N LEU A 96 4.28 -8.51 4.96
CA LEU A 96 5.36 -9.17 4.23
C LEU A 96 5.77 -10.52 4.89
N ALA A 97 5.93 -10.54 6.20
CA ALA A 97 6.30 -11.79 6.89
C ALA A 97 5.21 -12.80 6.74
N TYR A 98 3.96 -12.33 6.76
CA TYR A 98 2.83 -13.22 6.70
C TYR A 98 2.68 -13.84 5.32
N PHE A 99 3.05 -13.09 4.28
CA PHE A 99 3.03 -13.65 2.91
C PHE A 99 3.94 -14.88 2.78
N THR A 100 5.15 -14.78 3.33
CA THR A 100 6.09 -15.87 3.26
C THR A 100 5.67 -17.04 4.18
N LYS A 101 5.31 -16.72 5.41
CA LYS A 101 4.94 -17.75 6.39
C LYS A 101 3.71 -18.51 5.92
N ALA A 102 2.67 -17.81 5.49
CA ALA A 102 1.42 -18.47 5.05
C ALA A 102 1.39 -18.89 3.56
N LYS A 103 2.50 -18.69 2.83
CA LYS A 103 2.65 -19.11 1.44
C LYS A 103 1.47 -18.58 0.64
N VAL A 104 1.20 -17.30 0.78
CA VAL A 104 0.17 -16.63 0.00
C VAL A 104 0.54 -16.75 -1.46
N LYS A 105 -0.42 -17.17 -2.27
CA LYS A 105 -0.20 -17.47 -3.68
C LYS A 105 -0.54 -16.22 -4.52
N PHE A 106 0.42 -15.80 -5.35
CA PHE A 106 0.30 -14.57 -6.14
C PHE A 106 0.17 -14.83 -7.66
N ALA A 107 0.72 -15.94 -8.14
CA ALA A 107 0.84 -16.25 -9.58
C ALA A 107 -0.52 -16.19 -10.28
N GLY A 108 -0.60 -15.42 -11.36
CA GLY A 108 -1.80 -15.37 -12.19
C GLY A 108 -2.91 -14.47 -11.67
N LYS A 109 -2.73 -13.93 -10.45
CA LYS A 109 -3.77 -13.11 -9.83
C LYS A 109 -3.72 -11.65 -10.24
N LYS A 110 -4.87 -11.00 -10.23
CA LYS A 110 -4.94 -9.57 -10.38
C LYS A 110 -4.94 -8.95 -8.99
N VAL A 111 -4.00 -8.06 -8.74
CA VAL A 111 -3.73 -7.63 -7.37
C VAL A 111 -3.77 -6.12 -7.26
N LEU A 112 -4.32 -5.63 -6.16
CA LEU A 112 -4.33 -4.19 -5.85
C LEU A 112 -3.60 -3.94 -4.55
N ASP A 113 -2.70 -2.97 -4.55
CA ASP A 113 -2.07 -2.48 -3.32
C ASP A 113 -2.72 -1.15 -3.03
N LEU A 114 -3.60 -1.15 -2.05
CA LEU A 114 -4.40 0.00 -1.77
C LEU A 114 -3.74 0.77 -0.66
N GLY A 115 -3.43 2.02 -0.93
CA GLY A 115 -2.76 2.86 0.00
C GLY A 115 -1.35 2.38 0.10
N CYS A 116 -0.67 2.30 -1.04
CA CYS A 116 0.57 1.55 -1.17
C CYS A 116 1.82 2.17 -0.60
N GLY A 117 1.82 3.49 -0.42
CA GLY A 117 3.08 4.22 -0.11
C GLY A 117 4.23 3.76 -1.01
N SER A 118 5.22 3.13 -0.38
CA SER A 118 6.43 2.66 -1.07
C SER A 118 6.18 1.51 -2.05
N GLY A 119 5.08 0.80 -1.83
CA GLY A 119 4.66 -0.21 -2.77
C GLY A 119 5.26 -1.57 -2.55
N LEU A 120 5.74 -1.87 -1.35
CA LEU A 120 6.43 -3.13 -1.13
C LEU A 120 5.46 -4.32 -1.24
N LEU A 121 4.19 -4.12 -0.90
CA LEU A 121 3.22 -5.19 -0.94
C LEU A 121 2.97 -5.57 -2.38
N GLY A 122 2.64 -4.60 -3.21
CA GLY A 122 2.46 -4.84 -4.64
C GLY A 122 3.69 -5.40 -5.32
N ILE A 123 4.85 -4.90 -4.95
CA ILE A 123 6.10 -5.36 -5.52
C ILE A 123 6.31 -6.82 -5.20
N THR A 124 5.94 -7.23 -4.00
CA THR A 124 6.03 -8.63 -3.63
C THR A 124 5.16 -9.48 -4.53
N ALA A 125 3.96 -9.00 -4.80
CA ALA A 125 3.05 -9.67 -5.71
C ALA A 125 3.59 -9.71 -7.13
N PHE A 126 4.13 -8.59 -7.58
CA PHE A 126 4.84 -8.50 -8.87
C PHE A 126 5.93 -9.58 -8.97
N LYS A 127 6.92 -9.55 -8.07
CA LYS A 127 7.95 -10.58 -8.02
C LYS A 127 7.35 -11.99 -7.88
N GLY A 128 6.17 -12.10 -7.26
CA GLY A 128 5.46 -13.40 -7.12
C GLY A 128 4.72 -13.96 -8.35
N GLY A 129 4.72 -13.24 -9.47
CA GLY A 129 4.12 -13.72 -10.74
C GLY A 129 2.67 -13.30 -10.97
N SER A 130 2.20 -12.26 -10.27
CA SER A 130 0.84 -11.77 -10.49
C SER A 130 0.69 -11.30 -11.94
N LYS A 131 -0.50 -11.46 -12.50
CA LYS A 131 -0.73 -11.06 -13.91
C LYS A 131 -0.86 -9.55 -14.02
N GLU A 132 -1.48 -8.92 -13.03
CA GLU A 132 -1.69 -7.48 -13.05
C GLU A 132 -1.59 -6.97 -11.62
N ILE A 133 -0.85 -5.88 -11.42
CA ILE A 133 -0.69 -5.33 -10.10
C ILE A 133 -0.97 -3.83 -10.17
N HIS A 134 -2.01 -3.39 -9.47
CA HIS A 134 -2.34 -1.97 -9.40
C HIS A 134 -1.89 -1.38 -8.08
N PHE A 135 -1.30 -0.19 -8.17
CA PHE A 135 -0.87 0.55 -7.00
C PHE A 135 -1.66 1.81 -6.88
N GLN A 136 -2.15 2.09 -5.68
CA GLN A 136 -2.86 3.31 -5.40
C GLN A 136 -2.33 3.98 -4.12
N ASP A 137 -2.02 5.26 -4.22
CA ASP A 137 -1.77 6.11 -3.08
C ASP A 137 -2.65 7.33 -3.19
N TYR A 138 -2.93 7.99 -2.06
CA TYR A 138 -3.69 9.22 -2.09
C TYR A 138 -2.90 10.27 -2.83
N ASN A 139 -1.59 10.30 -2.60
CA ASN A 139 -0.75 11.40 -3.03
C ASN A 139 -0.01 11.16 -4.34
N SER A 140 -0.20 12.08 -5.25
CA SER A 140 0.43 12.10 -6.54
C SER A 140 1.93 12.01 -6.51
N MET A 141 2.57 12.82 -5.67
CA MET A 141 4.03 12.80 -5.55
C MET A 141 4.58 11.47 -4.98
N VAL A 142 3.85 10.89 -4.04
CA VAL A 142 4.24 9.61 -3.52
C VAL A 142 4.41 8.60 -4.68
N ILE A 143 3.48 8.60 -5.60
CA ILE A 143 3.55 7.69 -6.73
C ILE A 143 4.72 7.98 -7.66
N ASP A 144 4.91 9.24 -8.05
CA ASP A 144 5.96 9.60 -8.99
C ASP A 144 7.35 9.46 -8.37
N GLU A 145 7.49 9.95 -7.13
CA GLU A 145 8.80 10.02 -6.49
C GLU A 145 9.23 8.74 -5.79
N VAL A 146 8.29 7.92 -5.34
CA VAL A 146 8.62 6.76 -4.55
C VAL A 146 8.18 5.44 -5.16
N THR A 147 6.87 5.32 -5.39
CA THR A 147 6.31 4.07 -5.85
C THR A 147 6.85 3.63 -7.19
N LEU A 148 6.81 4.52 -8.18
CA LEU A 148 7.26 4.14 -9.50
C LEU A 148 8.73 3.74 -9.45
N PRO A 149 9.60 4.60 -8.90
CA PRO A 149 11.00 4.20 -8.77
C PRO A 149 11.22 2.85 -8.03
N ASN A 150 10.49 2.62 -6.95
CA ASN A 150 10.63 1.35 -6.21
C ASN A 150 10.30 0.16 -7.05
N VAL A 151 9.24 0.23 -7.83
CA VAL A 151 8.90 -0.90 -8.70
C VAL A 151 10.02 -1.13 -9.68
N VAL A 152 10.49 -0.07 -10.30
CA VAL A 152 11.53 -0.18 -11.31
C VAL A 152 12.82 -0.76 -10.74
N ALA A 153 13.18 -0.29 -9.55
CA ALA A 153 14.35 -0.82 -8.86
C ALA A 153 14.23 -2.32 -8.54
N ASN A 154 13.02 -2.86 -8.51
CA ASN A 154 12.86 -4.31 -8.30
C ASN A 154 12.68 -5.10 -9.59
N SER A 155 13.09 -4.51 -10.71
CA SER A 155 13.12 -5.20 -11.96
C SER A 155 14.59 -5.45 -12.29
N THR A 156 14.85 -6.17 -13.38
CA THR A 156 16.22 -6.49 -13.77
C THR A 156 16.98 -5.29 -14.34
N LEU A 157 16.35 -4.12 -14.42
CA LEU A 157 16.95 -2.97 -15.13
C LEU A 157 18.47 -2.79 -14.95
N GLU A 158 18.93 -2.84 -13.69
CA GLU A 158 20.33 -2.58 -13.35
C GLU A 158 21.27 -3.83 -13.43
N ASP A 159 20.70 -5.04 -13.50
CA ASP A 159 21.50 -6.25 -13.73
N ARG A 173 14.60 -14.29 -10.10
N ARG A 173 12.97 -14.43 -7.94
CA ARG A 173 13.74 -13.78 -9.02
CA ARG A 173 13.75 -13.77 -8.99
C ARG A 173 13.09 -12.44 -9.41
N LYS A 174 13.92 -11.47 -9.81
CA LYS A 174 13.47 -10.14 -10.22
C LYS A 174 12.85 -10.22 -11.60
N PRO A 175 11.69 -9.60 -11.80
CA PRO A 175 11.10 -9.67 -13.13
C PRO A 175 11.81 -8.78 -14.12
N LYS A 176 12.00 -9.29 -15.34
CA LYS A 176 12.60 -8.56 -16.43
C LYS A 176 11.88 -7.22 -16.69
N VAL A 177 12.61 -6.30 -17.28
CA VAL A 177 12.10 -4.95 -17.61
C VAL A 177 10.80 -5.01 -18.43
N THR A 178 10.70 -6.03 -19.29
CA THR A 178 9.59 -6.15 -20.22
C THR A 178 8.26 -6.53 -19.55
N GLN A 179 8.27 -6.78 -18.23
CA GLN A 179 7.05 -7.15 -17.49
C GLN A 179 6.44 -5.97 -16.74
N LEU A 180 7.09 -4.81 -16.81
CA LEU A 180 6.60 -3.61 -16.11
C LEU A 180 5.18 -3.15 -16.50
N TYR A 181 4.76 -3.48 -17.72
CA TYR A 181 3.43 -3.11 -18.21
C TYR A 181 2.35 -3.69 -17.30
N LYS A 182 2.67 -4.80 -16.65
CA LYS A 182 1.76 -5.42 -15.69
C LYS A 182 1.41 -4.53 -14.49
N CYS A 183 2.22 -3.51 -14.23
CA CYS A 183 1.98 -2.64 -13.09
C CYS A 183 1.32 -1.38 -13.53
N ARG A 184 0.27 -0.95 -12.84
CA ARG A 184 -0.34 0.35 -13.12
C ARG A 184 -0.52 1.16 -11.84
N PHE A 185 -0.46 2.48 -11.99
CA PHE A 185 -0.33 3.38 -10.86
C PHE A 185 -1.38 4.47 -10.82
N PHE A 186 -1.97 4.67 -9.65
CA PHE A 186 -3.05 5.62 -9.49
C PHE A 186 -2.89 6.49 -8.26
N SER A 187 -3.29 7.76 -8.35
CA SER A 187 -3.39 8.60 -7.17
C SER A 187 -4.76 9.23 -6.99
N GLY A 188 -5.11 9.48 -5.72
CA GLY A 188 -6.33 10.21 -5.34
C GLY A 188 -7.12 9.52 -4.24
N GLU A 189 -8.22 10.14 -3.83
CA GLU A 189 -9.09 9.60 -2.81
C GLU A 189 -9.80 8.35 -3.34
N TRP A 190 -10.05 7.40 -2.44
CA TRP A 190 -10.59 6.08 -2.81
C TRP A 190 -11.87 6.13 -3.67
N SER A 191 -12.82 6.99 -3.34
CA SER A 191 -14.03 7.17 -4.18
C SER A 191 -13.69 7.51 -5.60
N GLU A 192 -12.74 8.41 -5.76
CA GLU A 192 -12.34 8.88 -7.08
C GLU A 192 -11.57 7.79 -7.79
N PHE A 193 -10.65 7.16 -7.08
CA PHE A 193 -9.88 6.07 -7.66
C PHE A 193 -10.76 4.94 -8.18
N CYS A 194 -11.86 4.71 -7.48
CA CYS A 194 -12.79 3.68 -7.83
C CYS A 194 -13.53 3.94 -9.12
N LYS A 195 -14.06 5.15 -9.21
CA LYS A 195 -14.75 5.57 -10.40
C LYS A 195 -13.79 5.49 -11.58
N LEU A 196 -12.58 6.03 -11.39
CA LEU A 196 -11.61 6.04 -12.47
C LEU A 196 -11.26 4.64 -12.90
N VAL A 197 -10.87 3.79 -11.96
CA VAL A 197 -10.35 2.48 -12.34
C VAL A 197 -11.43 1.59 -12.97
N LEU A 198 -12.69 1.75 -12.55
CA LEU A 198 -13.81 1.04 -13.17
C LEU A 198 -14.06 1.42 -14.63
N SER A 199 -13.54 2.56 -15.07
CA SER A 199 -13.76 3.00 -16.44
C SER A 199 -12.59 2.71 -17.37
N SER A 200 -11.59 2.03 -16.85
CA SER A 200 -10.27 1.95 -17.47
C SER A 200 -10.05 0.67 -18.25
N GLU A 201 -11.14 -0.07 -18.49
CA GLU A 201 -11.09 -1.31 -19.23
C GLU A 201 -12.44 -1.39 -19.95
N LYS A 202 -12.50 -2.07 -21.08
CA LYS A 202 -13.76 -2.26 -21.78
C LYS A 202 -14.78 -3.02 -20.90
N LEU A 203 -14.27 -3.97 -20.10
CA LEU A 203 -15.06 -4.64 -19.08
C LEU A 203 -14.13 -4.95 -17.90
N PHE A 204 -14.34 -4.24 -16.78
CA PHE A 204 -13.47 -4.32 -15.65
C PHE A 204 -13.44 -5.70 -15.02
N VAL A 205 -12.25 -6.18 -14.74
CA VAL A 205 -12.02 -7.45 -14.05
C VAL A 205 -11.66 -7.12 -12.62
N LYS A 206 -12.34 -7.75 -11.67
CA LYS A 206 -12.16 -7.47 -10.25
C LYS A 206 -10.82 -8.01 -9.77
N TYR A 207 -10.35 -7.50 -8.66
CA TYR A 207 -9.10 -7.95 -8.08
C TYR A 207 -9.30 -9.24 -7.31
N ASP A 208 -8.37 -10.17 -7.44
CA ASP A 208 -8.41 -11.37 -6.65
C ASP A 208 -7.93 -11.08 -5.23
N LEU A 209 -7.00 -10.14 -5.12
CA LEU A 209 -6.40 -9.76 -3.87
C LEU A 209 -6.29 -8.28 -3.75
N ILE A 210 -6.71 -7.77 -2.62
CA ILE A 210 -6.43 -6.42 -2.26
C ILE A 210 -5.59 -6.51 -1.01
N LEU A 211 -4.39 -5.91 -1.08
CA LEU A 211 -3.42 -5.89 0.00
C LEU A 211 -3.37 -4.48 0.52
N THR A 212 -3.43 -4.30 1.82
CA THR A 212 -3.47 -2.96 2.37
C THR A 212 -2.93 -2.92 3.82
N SER A 213 -2.10 -1.93 4.09
CA SER A 213 -1.42 -1.79 5.35
C SER A 213 -1.68 -0.41 5.95
N GLU A 214 -2.28 -0.40 7.15
CA GLU A 214 -2.53 0.81 7.93
C GLU A 214 -3.45 1.81 7.30
N THR A 215 -4.55 1.32 6.75
CA THR A 215 -5.51 2.15 6.06
C THR A 215 -6.82 2.37 6.80
N ILE A 216 -6.97 1.75 7.96
CA ILE A 216 -8.11 1.94 8.78
C ILE A 216 -7.83 2.77 10.03
N TYR A 217 -6.83 3.64 9.98
CA TYR A 217 -6.57 4.53 11.11
C TYR A 217 -7.63 5.61 11.25
N ASN A 218 -8.30 5.94 10.15
CA ASN A 218 -9.25 7.08 10.16
C ASN A 218 -10.71 6.66 9.88
N PRO A 219 -11.58 6.71 10.93
CA PRO A 219 -12.99 6.27 10.79
C PRO A 219 -13.83 7.14 9.83
N ASP A 220 -13.37 8.36 9.55
CA ASP A 220 -14.01 9.22 8.58
C ASP A 220 -14.00 8.63 7.19
N TYR A 221 -13.07 7.73 6.89
CA TYR A 221 -12.95 7.17 5.54
C TYR A 221 -13.35 5.70 5.44
N TYR A 222 -13.97 5.18 6.48
CA TYR A 222 -14.38 3.78 6.50
C TYR A 222 -15.49 3.54 5.48
N SER A 223 -16.43 4.47 5.39
CA SER A 223 -17.45 4.37 4.34
C SER A 223 -16.83 4.23 2.93
N ASN A 224 -15.96 5.16 2.56
CA ASN A 224 -15.28 5.11 1.27
C ASN A 224 -14.50 3.84 1.05
N LEU A 225 -13.72 3.40 2.04
CA LEU A 225 -12.95 2.16 1.93
C LEU A 225 -13.85 0.91 1.73
N HIS A 226 -14.93 0.83 2.49
CA HIS A 226 -15.85 -0.29 2.37
C HIS A 226 -16.45 -0.32 0.93
N GLN A 227 -16.98 0.82 0.52
CA GLN A 227 -17.50 0.99 -0.83
C GLN A 227 -16.45 0.59 -1.89
N THR A 228 -15.17 0.90 -1.63
CA THR A 228 -14.10 0.52 -2.56
C THR A 228 -13.96 -1.01 -2.63
N PHE A 229 -13.95 -1.67 -1.49
CA PHE A 229 -13.95 -3.13 -1.46
C PHE A 229 -15.17 -3.70 -2.19
N LEU A 230 -16.31 -3.06 -2.05
CA LEU A 230 -17.52 -3.65 -2.57
C LEU A 230 -17.49 -3.60 -4.11
N ARG A 231 -17.02 -2.47 -4.65
CA ARG A 231 -17.02 -2.27 -6.08
C ARG A 231 -15.87 -3.00 -6.73
N LEU A 232 -14.75 -3.20 -6.01
CA LEU A 232 -13.52 -3.63 -6.70
C LEU A 232 -13.09 -5.08 -6.46
N LEU A 233 -13.51 -5.66 -5.35
CA LEU A 233 -13.11 -7.05 -4.99
C LEU A 233 -13.91 -8.09 -5.77
N SER A 234 -13.20 -9.09 -6.27
CA SER A 234 -13.85 -10.23 -6.86
C SER A 234 -14.66 -10.98 -5.81
N LYS A 235 -15.79 -11.50 -6.26
CA LYS A 235 -16.64 -12.43 -5.52
C LYS A 235 -15.84 -13.41 -4.63
N ASN A 236 -14.85 -14.06 -5.22
CA ASN A 236 -14.08 -15.09 -4.56
C ASN A 236 -12.71 -14.63 -4.11
N GLY A 237 -12.50 -13.33 -4.06
CA GLY A 237 -11.21 -12.78 -3.71
C GLY A 237 -11.20 -12.39 -2.25
N ARG A 238 -10.14 -11.74 -1.81
CA ARG A 238 -10.07 -11.35 -0.43
C ARG A 238 -9.19 -10.16 -0.23
N VAL A 239 -9.41 -9.46 0.87
CA VAL A 239 -8.57 -8.34 1.26
C VAL A 239 -7.71 -8.90 2.35
N LEU A 240 -6.42 -8.62 2.29
CA LEU A 240 -5.51 -8.91 3.42
C LEU A 240 -5.14 -7.55 3.99
N LEU A 241 -5.62 -7.25 5.19
CA LEU A 241 -5.44 -5.94 5.78
C LEU A 241 -4.59 -6.06 7.04
N ALA A 242 -3.54 -5.25 7.14
CA ALA A 242 -2.71 -5.18 8.35
C ALA A 242 -2.97 -3.85 9.06
N SER A 243 -3.17 -3.90 10.37
CA SER A 243 -3.49 -2.70 11.12
C SER A 243 -3.01 -2.77 12.58
N LYS A 244 -2.74 -1.60 13.18
CA LYS A 244 -2.53 -1.53 14.63
C LYS A 244 -3.85 -1.70 15.30
N ALA A 245 -3.83 -2.05 16.57
CA ALA A 245 -5.07 -2.24 17.31
C ALA A 245 -5.89 -0.94 17.37
N HIS A 246 -5.22 0.17 17.63
CA HIS A 246 -5.87 1.45 17.80
C HIS A 246 -4.92 2.53 17.36
N TYR A 247 -5.46 3.64 16.91
CA TYR A 247 -4.68 4.81 16.58
C TYR A 247 -5.21 5.92 17.46
N PHE A 248 -4.32 6.51 18.26
CA PHE A 248 -4.69 7.55 19.21
C PHE A 248 -4.95 8.85 18.50
N GLY A 249 -5.87 9.63 19.07
CA GLY A 249 -6.29 10.89 18.48
C GLY A 249 -7.28 10.68 17.35
N VAL A 250 -6.77 10.38 16.16
CA VAL A 250 -7.62 10.12 15.00
C VAL A 250 -8.64 9.01 15.25
N GLY A 251 -8.27 7.99 16.02
CA GLY A 251 -9.28 7.13 16.66
C GLY A 251 -9.78 5.88 15.96
N GLY A 252 -9.21 5.53 14.81
CA GLY A 252 -9.57 4.29 14.16
C GLY A 252 -8.92 3.09 14.81
N GLY A 253 -9.39 1.91 14.45
CA GLY A 253 -8.78 0.67 14.92
C GLY A 253 -9.48 -0.58 14.40
N VAL A 254 -8.99 -1.72 14.86
CA VAL A 254 -9.45 -2.99 14.34
C VAL A 254 -10.88 -3.30 14.78
N HIS A 255 -11.16 -3.14 16.07
CA HIS A 255 -12.50 -3.44 16.59
C HIS A 255 -13.50 -2.55 15.92
N LEU A 256 -13.22 -1.25 15.95
CA LEU A 256 -14.12 -0.24 15.41
C LEU A 256 -14.47 -0.55 13.93
N PHE A 257 -13.46 -0.97 13.17
CA PHE A 257 -13.65 -1.28 11.76
C PHE A 257 -14.46 -2.56 11.59
N GLN A 258 -14.14 -3.61 12.30
CA GLN A 258 -14.96 -4.83 12.23
C GLN A 258 -16.43 -4.60 12.55
N LYS A 259 -16.71 -3.71 13.50
CA LYS A 259 -18.08 -3.28 13.83
C LYS A 259 -18.72 -2.67 12.59
N PHE A 260 -17.99 -1.74 11.98
CA PHE A 260 -18.47 -1.04 10.81
C PHE A 260 -18.81 -2.03 9.70
N VAL A 261 -17.91 -2.99 9.42
CA VAL A 261 -18.13 -4.00 8.40
C VAL A 261 -19.33 -4.88 8.77
N GLU A 262 -19.38 -5.25 10.03
CA GLU A 262 -20.45 -6.07 10.54
C GLU A 262 -21.84 -5.40 10.39
N GLU A 263 -21.90 -4.08 10.62
CA GLU A 263 -23.17 -3.35 10.52
C GLU A 263 -23.67 -3.35 9.07
N ARG A 264 -22.76 -3.17 8.11
CA ARG A 264 -23.16 -3.10 6.70
C ARG A 264 -23.48 -4.51 6.14
N ASP A 265 -22.98 -5.57 6.77
CA ASP A 265 -23.45 -6.93 6.48
C ASP A 265 -23.20 -7.42 5.04
N VAL A 266 -22.18 -6.90 4.40
CA VAL A 266 -21.80 -7.33 3.09
C VAL A 266 -20.59 -8.26 3.19
N PHE A 267 -19.58 -7.87 3.96
CA PHE A 267 -18.39 -8.70 4.12
C PHE A 267 -18.35 -9.40 5.47
N LYS A 268 -17.56 -10.47 5.57
CA LYS A 268 -17.14 -11.06 6.86
C LYS A 268 -15.64 -10.84 7.09
N THR A 269 -15.24 -10.75 8.34
CA THR A 269 -13.83 -10.59 8.70
C THR A 269 -13.35 -11.73 9.54
N ARG A 270 -12.05 -11.87 9.58
CA ARG A 270 -11.40 -13.01 10.15
C ARG A 270 -10.00 -12.55 10.46
N ILE A 271 -9.55 -12.83 11.66
CA ILE A 271 -8.26 -12.44 12.09
C ILE A 271 -7.37 -13.60 11.87
N LEU A 272 -6.36 -13.37 11.04
CA LEU A 272 -5.41 -14.37 10.60
C LEU A 272 -4.19 -14.41 11.51
N LYS A 273 -3.70 -13.26 11.94
CA LYS A 273 -2.56 -13.24 12.82
C LYS A 273 -2.57 -12.02 13.73
N ILE A 274 -2.15 -12.24 14.97
CA ILE A 274 -1.82 -11.22 15.92
C ILE A 274 -0.31 -11.13 16.07
N ILE A 275 0.21 -9.93 15.99
CA ILE A 275 1.59 -9.69 16.32
C ILE A 275 1.54 -9.03 17.67
N ASP A 276 2.08 -9.73 18.65
CA ASP A 276 2.01 -9.30 20.02
C ASP A 276 3.34 -8.70 20.42
N GLU A 277 3.39 -7.37 20.38
CA GLU A 277 4.46 -6.64 21.04
C GLU A 277 3.95 -5.27 21.43
N GLY A 278 4.04 -4.96 22.73
CA GLY A 278 3.41 -3.76 23.27
C GLY A 278 1.95 -3.70 22.86
N LEU A 279 1.59 -2.64 22.16
CA LEU A 279 0.24 -2.55 21.58
C LEU A 279 0.19 -3.56 20.43
N LYS A 280 -0.95 -4.22 20.24
CA LYS A 280 -1.01 -5.37 19.35
C LYS A 280 -1.17 -4.90 17.93
N ARG A 281 -0.78 -5.74 16.99
CA ARG A 281 -1.09 -5.47 15.59
C ARG A 281 -1.72 -6.71 15.00
N PHE A 282 -2.54 -6.52 13.95
CA PHE A 282 -3.36 -7.59 13.40
C PHE A 282 -3.23 -7.67 11.91
N ILE A 283 -3.30 -8.91 11.40
CA ILE A 283 -3.61 -9.14 10.00
C ILE A 283 -5.02 -9.74 9.93
N ILE A 284 -5.85 -9.14 9.09
CA ILE A 284 -7.27 -9.40 9.00
C ILE A 284 -7.61 -9.74 7.56
N GLU A 285 -8.52 -10.69 7.37
CA GLU A 285 -8.97 -11.12 6.06
C GLU A 285 -10.39 -10.75 5.89
N ILE A 286 -10.72 -10.17 4.75
CA ILE A 286 -12.09 -9.74 4.46
C ILE A 286 -12.53 -10.41 3.20
N THR A 287 -13.69 -11.08 3.27
CA THR A 287 -14.25 -11.75 2.13
C THR A 287 -15.71 -11.40 2.07
N PHE A 288 -16.34 -11.66 0.93
CA PHE A 288 -17.82 -11.57 0.82
C PHE A 288 -18.49 -12.69 1.59
N LYS A 289 -19.63 -12.40 2.22
CA LYS A 289 -20.53 -13.48 2.69
C LYS A 289 -21.17 -14.18 1.49
N PHE A 290 -21.17 -15.50 1.49
CA PHE A 290 -21.88 -16.28 0.43
N SAM B . 0.72 1.21 3.10
CA SAM B . 1.84 2.08 3.38
C SAM B . 2.65 1.53 4.54
O SAM B . 2.14 0.66 5.29
OXT SAM B . 3.82 1.98 4.71
CB SAM B . 1.29 3.47 3.67
CG SAM B . 0.49 3.52 4.94
SD SAM B . -0.11 5.05 5.26
CE SAM B . -0.19 5.34 6.89
C5' SAM B . -1.72 5.16 4.69
C4' SAM B . -1.99 4.84 3.20
O4' SAM B . -3.39 4.99 2.91
C3' SAM B . -1.34 5.79 2.21
O3' SAM B . -0.97 5.03 1.04
C2' SAM B . -2.42 6.84 1.90
O2' SAM B . -2.23 7.49 0.65
C1' SAM B . -3.65 5.99 1.88
N9 SAM B . -4.96 6.63 2.20
C8 SAM B . -5.40 6.98 3.41
N7 SAM B . -6.66 7.48 3.35
C5 SAM B . -7.02 7.46 2.07
C6 SAM B . -8.22 7.84 1.33
N6 SAM B . -9.28 8.37 1.97
N1 SAM B . -8.22 7.65 0.00
C2 SAM B . -7.16 7.13 -0.65
N3 SAM B . -6.01 6.75 -0.03
C4 SAM B . -5.91 6.89 1.30
UNK UNX C . -17.54 -11.39 10.48
UNK UNX D . -1.61 -15.22 15.77
UNK UNX E . -16.27 -11.43 -9.85
UNK UNX F . 4.59 2.53 12.39
UNK UNX G . -7.70 8.53 21.81
UNK UNX H . 1.15 10.55 -15.87
UNK UNX I . -0.94 15.81 17.02
UNK UNX J . 10.75 10.07 -19.41
UNK UNX K . 20.11 4.24 -13.48
UNK UNX L . 12.40 9.51 -15.77
UNK UNX M . -21.83 2.40 8.05
UNK UNX N . -10.53 13.17 8.64
#